data_2CZ8
#
_entry.id   2CZ8
#
_cell.length_a   66.360
_cell.length_b   66.360
_cell.length_c   124.566
_cell.angle_alpha   90.00
_cell.angle_beta   90.00
_cell.angle_gamma   120.00
#
_symmetry.space_group_name_H-M   'P 3'
#
loop_
_entity.id
_entity.type
_entity.pdbx_description
1 polymer 'tt0972 protein'
2 non-polymer 'PHOSPHATE ION'
3 non-polymer 'POTASSIUM ION'
4 non-polymer 'FLAVIN-ADENINE DINUCLEOTIDE'
5 water water
#
_entity_poly.entity_id   1
_entity_poly.type   'polypeptide(L)'
_entity_poly.pdbx_seq_one_letter_code
;MGKVYKKVELVGTSEEGLEAAIQAALARARKTLRHLDWFEVKEIRGTIGEAGVKEYQVVLEVGFRLEET
;
_entity_poly.pdbx_strand_id   A,B,C,D,E,F,G,H
#
# COMPACT_ATOMS: atom_id res chain seq x y z
N GLY A 2 -19.64 11.27 -31.29
CA GLY A 2 -19.03 12.14 -30.25
C GLY A 2 -17.77 11.51 -29.69
N LYS A 3 -17.50 11.77 -28.42
CA LYS A 3 -16.33 11.20 -27.77
C LYS A 3 -16.48 9.69 -27.74
N VAL A 4 -15.36 9.00 -27.70
CA VAL A 4 -15.37 7.54 -27.61
C VAL A 4 -14.44 7.14 -26.48
N TYR A 5 -14.90 6.22 -25.65
CA TYR A 5 -14.12 5.72 -24.53
C TYR A 5 -13.77 4.27 -24.78
N LYS A 6 -12.74 3.80 -24.09
CA LYS A 6 -12.34 2.41 -24.19
C LYS A 6 -12.36 1.88 -22.76
N LYS A 7 -12.68 0.60 -22.62
CA LYS A 7 -12.69 -0.03 -21.31
C LYS A 7 -11.71 -1.19 -21.30
N VAL A 8 -10.79 -1.18 -20.36
CA VAL A 8 -9.81 -2.26 -20.23
C VAL A 8 -10.11 -2.99 -18.93
N GLU A 9 -9.86 -4.30 -18.91
CA GLU A 9 -10.12 -5.11 -17.73
C GLU A 9 -8.79 -5.41 -17.03
N LEU A 10 -8.71 -4.99 -15.77
CA LEU A 10 -7.52 -5.19 -14.97
C LEU A 10 -7.88 -5.91 -13.69
N VAL A 11 -6.87 -6.49 -13.05
CA VAL A 11 -7.09 -7.16 -11.78
C VAL A 11 -6.05 -6.62 -10.81
N GLY A 12 -6.53 -5.84 -9.85
CA GLY A 12 -5.63 -5.29 -8.86
C GLY A 12 -5.55 -6.25 -7.69
N THR A 13 -4.40 -6.31 -7.02
CA THR A 13 -4.27 -7.20 -5.88
C THR A 13 -3.68 -6.45 -4.69
N SER A 14 -4.00 -6.94 -3.50
CA SER A 14 -3.51 -6.35 -2.26
C SER A 14 -3.63 -7.36 -1.13
N GLU A 15 -2.67 -7.34 -0.21
CA GLU A 15 -2.71 -8.22 0.94
C GLU A 15 -3.50 -7.53 2.04
N GLU A 16 -3.80 -6.25 1.85
CA GLU A 16 -4.46 -5.47 2.88
C GLU A 16 -5.96 -5.22 2.78
N GLY A 17 -6.49 -5.06 1.58
CA GLY A 17 -7.92 -4.81 1.47
C GLY A 17 -8.42 -4.56 0.07
N LEU A 18 -9.74 -4.40 -0.04
CA LEU A 18 -10.39 -4.17 -1.32
C LEU A 18 -10.02 -2.83 -1.95
N GLU A 19 -10.13 -1.75 -1.16
CA GLU A 19 -9.78 -0.44 -1.68
C GLU A 19 -8.33 -0.40 -2.15
N ALA A 20 -7.43 -1.01 -1.39
CA ALA A 20 -6.03 -1.04 -1.77
C ALA A 20 -5.83 -1.74 -3.11
N ALA A 21 -6.57 -2.81 -3.33
CA ALA A 21 -6.47 -3.56 -4.59
C ALA A 21 -6.95 -2.71 -5.75
N ILE A 22 -8.05 -2.00 -5.54
CA ILE A 22 -8.59 -1.12 -6.57
C ILE A 22 -7.58 -0.02 -6.90
N GLN A 23 -7.04 0.62 -5.87
CA GLN A 23 -6.07 1.69 -6.04
C GLN A 23 -4.83 1.17 -6.79
N ALA A 24 -4.42 -0.06 -6.50
CA ALA A 24 -3.25 -0.62 -7.18
C ALA A 24 -3.49 -0.75 -8.69
N ALA A 25 -4.67 -1.22 -9.06
CA ALA A 25 -4.99 -1.36 -10.48
C ALA A 25 -5.02 0.01 -11.16
N LEU A 26 -5.62 0.99 -10.49
CA LEU A 26 -5.72 2.34 -11.06
C LEU A 26 -4.35 3.00 -11.19
N ALA A 27 -3.46 2.73 -10.24
CA ALA A 27 -2.13 3.31 -10.29
C ALA A 27 -1.35 2.72 -11.46
N ARG A 28 -1.52 1.43 -11.71
CA ARG A 28 -0.83 0.78 -12.82
C ARG A 28 -1.40 1.29 -14.14
N ALA A 29 -2.71 1.49 -14.17
CA ALA A 29 -3.37 1.97 -15.37
C ALA A 29 -2.83 3.34 -15.80
N ARG A 30 -2.61 4.21 -14.82
CA ARG A 30 -2.11 5.56 -15.08
C ARG A 30 -0.73 5.59 -15.70
N LYS A 31 0.04 4.52 -15.54
CA LYS A 31 1.39 4.45 -16.09
C LYS A 31 1.42 4.47 -17.61
N THR A 32 0.39 3.91 -18.25
CA THR A 32 0.36 3.85 -19.70
C THR A 32 -0.90 4.42 -20.35
N LEU A 33 -1.95 4.59 -19.58
CA LEU A 33 -3.20 5.10 -20.14
C LEU A 33 -3.45 6.55 -19.74
N ARG A 34 -4.11 7.27 -20.65
CA ARG A 34 -4.44 8.68 -20.42
C ARG A 34 -5.95 8.85 -20.35
N HIS A 35 -6.37 9.94 -19.71
CA HIS A 35 -7.79 10.27 -19.60
C HIS A 35 -8.62 9.23 -18.87
N LEU A 36 -8.08 8.70 -17.76
CA LEU A 36 -8.80 7.72 -16.96
C LEU A 36 -10.01 8.43 -16.35
N ASP A 37 -11.19 7.86 -16.55
CA ASP A 37 -12.41 8.49 -16.04
C ASP A 37 -13.23 7.74 -15.00
N TRP A 38 -13.47 6.44 -15.21
CA TRP A 38 -14.27 5.69 -14.25
C TRP A 38 -13.88 4.23 -14.19
N PHE A 39 -14.39 3.52 -13.19
CA PHE A 39 -14.11 2.10 -13.08
C PHE A 39 -15.37 1.37 -12.61
N GLU A 40 -15.41 0.08 -12.90
CA GLU A 40 -16.56 -0.75 -12.51
C GLU A 40 -15.99 -2.06 -11.96
N VAL A 41 -16.37 -2.44 -10.74
CA VAL A 41 -15.89 -3.69 -10.18
C VAL A 41 -16.72 -4.82 -10.76
N LYS A 42 -16.05 -5.80 -11.35
CA LYS A 42 -16.72 -6.94 -11.96
C LYS A 42 -16.72 -8.16 -11.05
N GLU A 43 -15.63 -8.37 -10.32
CA GLU A 43 -15.52 -9.51 -9.43
C GLU A 43 -14.58 -9.21 -8.27
N ILE A 44 -14.88 -9.84 -7.13
CA ILE A 44 -14.03 -9.73 -5.96
C ILE A 44 -13.73 -11.17 -5.57
N ARG A 45 -12.46 -11.53 -5.55
CA ARG A 45 -12.07 -12.88 -5.16
C ARG A 45 -10.72 -12.79 -4.48
N GLY A 46 -10.09 -13.93 -4.24
CA GLY A 46 -8.79 -13.88 -3.61
C GLY A 46 -8.24 -15.25 -3.29
N THR A 47 -7.02 -15.27 -2.79
CA THR A 47 -6.36 -16.51 -2.40
C THR A 47 -6.37 -16.62 -0.90
N ILE A 48 -6.23 -17.84 -0.40
CA ILE A 48 -6.24 -18.11 1.02
C ILE A 48 -4.90 -18.66 1.49
N GLY A 49 -4.45 -18.18 2.64
CA GLY A 49 -3.19 -18.61 3.21
CA GLY A 49 -3.19 -18.62 3.22
C GLY A 49 -3.31 -18.84 4.71
C GLY A 49 -3.35 -18.92 4.69
N GLU A 50 -2.16 -18.95 5.37
N GLU A 50 -2.23 -18.96 5.41
CA GLU A 50 -2.15 -19.18 6.82
CA GLU A 50 -2.27 -19.26 6.84
C GLU A 50 -2.74 -18.00 7.59
C GLU A 50 -3.01 -18.22 7.68
N ALA A 51 -2.75 -16.82 6.97
N ALA A 51 -2.88 -16.95 7.34
CA ALA A 51 -3.29 -15.64 7.63
CA ALA A 51 -3.53 -15.89 8.10
C ALA A 51 -4.72 -15.37 7.20
C ALA A 51 -4.94 -15.59 7.58
N GLY A 52 -5.36 -16.35 6.58
N GLY A 52 -5.43 -16.42 6.66
CA GLY A 52 -6.72 -16.18 6.12
CA GLY A 52 -6.75 -16.19 6.10
C GLY A 52 -6.60 -15.70 4.69
N VAL A 53 -7.01 -14.46 4.43
CA VAL A 53 -6.87 -13.93 3.08
C VAL A 53 -5.37 -13.80 2.83
N LYS A 54 -4.91 -14.23 1.67
CA LYS A 54 -3.50 -14.10 1.32
C LYS A 54 -3.43 -12.87 0.43
N GLU A 55 -4.22 -12.89 -0.64
N GLU A 55 -4.22 -12.88 -0.65
CA GLU A 55 -4.28 -11.79 -1.60
CA GLU A 55 -4.26 -11.77 -1.58
C GLU A 55 -5.72 -11.50 -1.97
C GLU A 55 -5.68 -11.49 -2.04
N TYR A 56 -6.11 -10.23 -1.94
CA TYR A 56 -7.44 -9.84 -2.38
C TYR A 56 -7.21 -9.56 -3.85
N GLN A 57 -8.14 -9.99 -4.70
CA GLN A 57 -8.03 -9.76 -6.13
C GLN A 57 -9.33 -9.12 -6.60
N VAL A 58 -9.24 -7.88 -7.05
CA VAL A 58 -10.43 -7.17 -7.53
C VAL A 58 -10.35 -6.96 -9.04
N VAL A 59 -11.30 -7.59 -9.74
CA VAL A 59 -11.35 -7.49 -11.19
C VAL A 59 -12.19 -6.27 -11.52
N LEU A 60 -11.63 -5.36 -12.30
CA LEU A 60 -12.41 -4.20 -12.66
C LEU A 60 -12.23 -3.76 -14.09
N GLU A 61 -13.19 -3.00 -14.58
CA GLU A 61 -13.12 -2.42 -15.91
C GLU A 61 -12.76 -0.96 -15.67
N VAL A 62 -11.78 -0.46 -16.41
CA VAL A 62 -11.36 0.93 -16.28
C VAL A 62 -11.71 1.61 -17.60
N GLY A 63 -12.51 2.67 -17.51
CA GLY A 63 -12.91 3.39 -18.71
C GLY A 63 -12.12 4.68 -18.85
N PHE A 64 -11.64 4.94 -20.06
CA PHE A 64 -10.86 6.14 -20.32
C PHE A 64 -11.18 6.68 -21.71
N ARG A 65 -11.04 7.99 -21.88
CA ARG A 65 -11.36 8.61 -23.16
C ARG A 65 -10.23 8.45 -24.16
N LEU A 66 -10.59 8.08 -25.39
CA LEU A 66 -9.61 7.92 -26.46
C LEU A 66 -9.40 9.27 -27.14
N GLU A 67 -8.19 9.50 -27.64
CA GLU A 67 -7.89 10.75 -28.32
C GLU A 67 -8.17 10.61 -29.81
N GLU A 68 -8.47 11.72 -30.47
CA GLU A 68 -8.77 11.70 -31.90
C GLU A 68 -7.73 12.48 -32.70
N LYS B 3 1.05 -7.10 -7.35
CA LYS B 3 0.88 -7.53 -8.77
C LYS B 3 -0.43 -7.01 -9.35
N VAL B 4 -0.40 -6.72 -10.65
CA VAL B 4 -1.59 -6.26 -11.36
C VAL B 4 -1.65 -7.09 -12.64
N TYR B 5 -2.83 -7.61 -12.94
CA TYR B 5 -3.02 -8.42 -14.13
C TYR B 5 -3.95 -7.72 -15.08
N LYS B 6 -3.91 -8.14 -16.33
CA LYS B 6 -4.78 -7.58 -17.36
C LYS B 6 -5.48 -8.76 -18.03
N LYS B 7 -6.71 -8.54 -18.49
CA LYS B 7 -7.46 -9.57 -19.19
C LYS B 7 -7.86 -9.08 -20.57
N VAL B 8 -7.54 -9.88 -21.59
CA VAL B 8 -7.94 -9.53 -22.95
C VAL B 8 -8.91 -10.58 -23.44
N GLU B 9 -9.76 -10.21 -24.38
CA GLU B 9 -10.74 -11.14 -24.90
C GLU B 9 -10.39 -11.56 -26.32
N LEU B 10 -10.21 -12.86 -26.51
CA LEU B 10 -9.87 -13.41 -27.81
C LEU B 10 -10.86 -14.49 -28.19
N VAL B 11 -10.94 -14.76 -29.49
CA VAL B 11 -11.82 -15.82 -29.96
C VAL B 11 -10.95 -16.77 -30.76
N GLY B 12 -10.70 -17.96 -30.21
CA GLY B 12 -9.91 -18.93 -30.94
C GLY B 12 -10.83 -19.76 -31.82
N THR B 13 -10.36 -20.16 -32.99
CA THR B 13 -11.20 -20.97 -33.86
C THR B 13 -10.42 -22.15 -34.39
N SER B 14 -11.14 -23.20 -34.73
CA SER B 14 -10.57 -24.41 -35.29
C SER B 14 -11.66 -25.31 -35.84
N GLU B 15 -11.34 -26.00 -36.93
CA GLU B 15 -12.28 -26.91 -37.53
C GLU B 15 -12.21 -28.26 -36.80
N GLU B 16 -11.17 -28.42 -35.98
CA GLU B 16 -10.95 -29.68 -35.26
C GLU B 16 -11.79 -29.90 -34.01
N GLY B 17 -11.81 -28.91 -33.12
CA GLY B 17 -12.58 -29.07 -31.90
C GLY B 17 -12.37 -27.92 -30.94
N LEU B 18 -12.94 -28.05 -29.74
CA LEU B 18 -12.87 -27.03 -28.71
C LEU B 18 -11.46 -26.77 -28.16
N GLU B 19 -10.75 -27.83 -27.81
CA GLU B 19 -9.39 -27.69 -27.30
C GLU B 19 -8.49 -27.01 -28.34
N ALA B 20 -8.62 -27.43 -29.59
CA ALA B 20 -7.80 -26.85 -30.65
C ALA B 20 -8.10 -25.37 -30.80
N ALA B 21 -9.37 -24.99 -30.67
CA ALA B 21 -9.74 -23.58 -30.78
C ALA B 21 -9.11 -22.78 -29.65
N ILE B 22 -9.14 -23.34 -28.44
CA ILE B 22 -8.53 -22.67 -27.29
C ILE B 22 -7.02 -22.55 -27.52
N GLN B 23 -6.38 -23.62 -27.98
CA GLN B 23 -4.94 -23.57 -28.22
C GLN B 23 -4.59 -22.49 -29.24
N ALA B 24 -5.44 -22.31 -30.25
CA ALA B 24 -5.19 -21.31 -31.28
C ALA B 24 -5.15 -19.91 -30.67
N ALA B 25 -6.10 -19.62 -29.79
CA ALA B 25 -6.14 -18.30 -29.16
C ALA B 25 -4.93 -18.08 -28.25
N LEU B 26 -4.55 -19.10 -27.49
CA LEU B 26 -3.42 -18.95 -26.59
C LEU B 26 -2.12 -18.79 -27.37
N ALA B 27 -1.99 -19.49 -28.49
CA ALA B 27 -0.77 -19.39 -29.29
C ALA B 27 -0.62 -17.97 -29.84
N ARG B 28 -1.71 -17.35 -30.24
CA ARG B 28 -1.62 -15.99 -30.78
C ARG B 28 -1.34 -15.01 -29.63
N ALA B 29 -1.94 -15.25 -28.47
CA ALA B 29 -1.73 -14.39 -27.32
C ALA B 29 -0.24 -14.34 -26.99
N ARG B 30 0.40 -15.51 -27.01
CA ARG B 30 1.82 -15.62 -26.68
C ARG B 30 2.73 -14.79 -27.59
N LYS B 31 2.28 -14.51 -28.81
CA LYS B 31 3.08 -13.73 -29.75
C LYS B 31 3.41 -12.33 -29.24
N THR B 32 2.48 -11.71 -28.52
CA THR B 32 2.71 -10.35 -28.02
C THR B 32 2.53 -10.13 -26.53
N LEU B 33 2.01 -11.13 -25.83
CA LEU B 33 1.76 -10.99 -24.41
C LEU B 33 2.65 -11.88 -23.56
N ARG B 34 3.24 -11.29 -22.53
CA ARG B 34 4.11 -12.01 -21.61
C ARG B 34 3.37 -12.36 -20.33
N HIS B 35 3.91 -13.32 -19.59
CA HIS B 35 3.34 -13.74 -18.31
C HIS B 35 1.88 -14.22 -18.39
N LEU B 36 1.57 -15.02 -19.39
CA LEU B 36 0.22 -15.58 -19.56
C LEU B 36 -0.02 -16.51 -18.37
N ASP B 37 -1.14 -16.32 -17.67
CA ASP B 37 -1.41 -17.13 -16.48
C ASP B 37 -2.67 -17.99 -16.49
N TRP B 38 -3.80 -17.44 -16.90
CA TRP B 38 -5.03 -18.22 -16.89
C TRP B 38 -6.00 -17.79 -17.97
N PHE B 39 -7.03 -18.59 -18.20
CA PHE B 39 -8.05 -18.23 -19.17
C PHE B 39 -9.41 -18.63 -18.62
N GLU B 40 -10.43 -18.00 -19.17
CA GLU B 40 -11.82 -18.26 -18.78
C GLU B 40 -12.64 -18.32 -20.05
N VAL B 41 -13.39 -19.40 -20.24
CA VAL B 41 -14.22 -19.50 -21.43
C VAL B 41 -15.49 -18.71 -21.18
N LYS B 42 -15.79 -17.78 -22.09
CA LYS B 42 -16.97 -16.94 -21.99
C LYS B 42 -18.11 -17.49 -22.83
N GLU B 43 -17.79 -17.99 -24.01
CA GLU B 43 -18.81 -18.53 -24.90
C GLU B 43 -18.22 -19.59 -25.82
N ILE B 44 -19.06 -20.52 -26.23
CA ILE B 44 -18.69 -21.54 -27.19
C ILE B 44 -19.74 -21.42 -28.28
N ARG B 45 -19.31 -21.22 -29.51
CA ARG B 45 -20.24 -21.11 -30.63
C ARG B 45 -19.52 -21.59 -31.88
N GLY B 46 -20.13 -21.39 -33.03
CA GLY B 46 -19.48 -21.83 -34.25
C GLY B 46 -20.34 -21.67 -35.45
N THR B 47 -19.77 -21.98 -36.61
CA THR B 47 -20.47 -21.90 -37.86
C THR B 47 -20.86 -23.29 -38.32
N ILE B 48 -21.82 -23.36 -39.23
CA ILE B 48 -22.33 -24.62 -39.74
C ILE B 48 -22.17 -24.75 -41.24
N GLY B 49 -21.78 -25.95 -41.66
CA GLY B 49 -21.60 -26.25 -43.07
C GLY B 49 -22.38 -27.51 -43.41
N GLU B 50 -22.25 -27.98 -44.65
CA GLU B 50 -22.96 -29.17 -45.08
C GLU B 50 -22.68 -30.41 -44.23
N ALA B 51 -21.49 -30.47 -43.64
CA ALA B 51 -21.10 -31.60 -42.80
C ALA B 51 -21.20 -31.33 -41.30
N GLY B 52 -22.03 -30.36 -40.92
CA GLY B 52 -22.16 -30.05 -39.51
C GLY B 52 -21.28 -28.88 -39.10
N VAL B 53 -20.56 -29.01 -38.00
CA VAL B 53 -19.71 -27.91 -37.55
C VAL B 53 -18.66 -27.59 -38.60
N LYS B 54 -18.58 -26.32 -38.97
CA LYS B 54 -17.57 -25.89 -39.92
C LYS B 54 -16.41 -25.39 -39.05
N GLU B 55 -16.64 -24.34 -38.30
CA GLU B 55 -15.62 -23.78 -37.44
C GLU B 55 -16.10 -23.67 -36.00
N TYR B 56 -15.32 -24.23 -35.07
CA TYR B 56 -15.64 -24.12 -33.65
C TYR B 56 -15.04 -22.77 -33.24
N GLN B 57 -15.77 -22.01 -32.43
CA GLN B 57 -15.31 -20.69 -31.99
C GLN B 57 -15.43 -20.60 -30.48
N VAL B 58 -14.31 -20.43 -29.80
CA VAL B 58 -14.31 -20.33 -28.35
C VAL B 58 -13.89 -18.93 -27.93
N VAL B 59 -14.82 -18.19 -27.31
CA VAL B 59 -14.57 -16.84 -26.84
C VAL B 59 -14.00 -16.95 -25.44
N LEU B 60 -12.81 -16.41 -25.23
CA LEU B 60 -12.24 -16.52 -23.91
C LEU B 60 -11.51 -15.27 -23.45
N GLU B 61 -11.39 -15.16 -22.14
CA GLU B 61 -10.65 -14.07 -21.53
C GLU B 61 -9.32 -14.68 -21.13
N VAL B 62 -8.23 -14.00 -21.45
CA VAL B 62 -6.90 -14.48 -21.13
C VAL B 62 -6.28 -13.48 -20.15
N GLY B 63 -5.89 -13.99 -18.98
CA GLY B 63 -5.29 -13.15 -17.96
C GLY B 63 -3.78 -13.31 -17.92
N PHE B 64 -3.09 -12.18 -17.81
CA PHE B 64 -1.64 -12.17 -17.76
C PHE B 64 -1.14 -11.09 -16.81
N ARG B 65 0.04 -11.29 -16.25
CA ARG B 65 0.59 -10.31 -15.32
C ARG B 65 1.28 -9.18 -16.06
N LEU B 66 0.99 -7.95 -15.64
CA LEU B 66 1.61 -6.78 -16.26
C LEU B 66 2.99 -6.54 -15.67
N GLU B 67 3.89 -5.99 -16.48
CA GLU B 67 5.24 -5.69 -16.02
C GLU B 67 5.10 -4.50 -15.06
N GLU B 68 5.97 -4.41 -14.07
CA GLU B 68 5.90 -3.32 -13.12
C GLU B 68 7.11 -2.40 -13.24
N GLY C 2 -6.78 -22.35 -36.00
CA GLY C 2 -7.14 -21.51 -37.17
C GLY C 2 -7.08 -20.04 -36.86
N LYS C 3 -7.94 -19.27 -37.50
CA LYS C 3 -8.00 -17.82 -37.29
C LYS C 3 -8.31 -17.47 -35.85
N VAL C 4 -7.83 -16.31 -35.42
CA VAL C 4 -8.09 -15.83 -34.08
C VAL C 4 -8.57 -14.39 -34.20
N TYR C 5 -9.61 -14.08 -33.43
CA TYR C 5 -10.19 -12.75 -33.41
C TYR C 5 -9.96 -12.14 -32.05
N LYS C 6 -10.07 -10.81 -31.97
CA LYS C 6 -9.92 -10.13 -30.70
C LYS C 6 -11.16 -9.27 -30.53
N LYS C 7 -11.58 -9.06 -29.29
CA LYS C 7 -12.74 -8.21 -29.01
C LYS C 7 -12.28 -7.10 -28.07
N VAL C 8 -12.59 -5.86 -28.44
CA VAL C 8 -12.24 -4.72 -27.60
C VAL C 8 -13.53 -4.07 -27.15
N GLU C 9 -13.53 -3.49 -25.95
CA GLU C 9 -14.75 -2.86 -25.46
C GLU C 9 -14.63 -1.35 -25.56
N LEU C 10 -15.58 -0.77 -26.29
CA LEU C 10 -15.60 0.66 -26.50
C LEU C 10 -16.94 1.25 -26.09
N VAL C 11 -16.95 2.53 -25.80
CA VAL C 11 -18.21 3.20 -25.47
C VAL C 11 -18.33 4.35 -26.45
N GLY C 12 -19.23 4.21 -27.41
CA GLY C 12 -19.44 5.26 -28.37
C GLY C 12 -20.45 6.23 -27.80
N THR C 13 -20.25 7.53 -28.00
CA THR C 13 -21.21 8.50 -27.50
C THR C 13 -21.61 9.44 -28.60
N SER C 14 -22.80 10.00 -28.47
CA SER C 14 -23.31 10.96 -29.45
C SER C 14 -24.53 11.65 -28.89
N GLU C 15 -24.74 12.89 -29.33
CA GLU C 15 -25.91 13.62 -28.88
C GLU C 15 -27.03 13.46 -29.91
N GLU C 16 -26.74 12.77 -31.01
CA GLU C 16 -27.71 12.55 -32.09
C GLU C 16 -28.68 11.39 -31.86
N GLY C 17 -28.19 10.29 -31.32
CA GLY C 17 -29.05 9.13 -31.10
C GLY C 17 -28.26 7.85 -30.92
N LEU C 18 -28.98 6.74 -30.77
CA LEU C 18 -28.36 5.43 -30.58
C LEU C 18 -27.47 5.00 -31.72
N GLU C 19 -28.00 5.02 -32.93
CA GLU C 19 -27.22 4.62 -34.07
C GLU C 19 -25.96 5.48 -34.19
N ALA C 20 -26.09 6.79 -33.98
CA ALA C 20 -24.94 7.69 -34.06
C ALA C 20 -23.86 7.34 -33.04
N ALA C 21 -24.28 6.90 -31.86
CA ALA C 21 -23.33 6.53 -30.81
C ALA C 21 -22.57 5.29 -31.24
N ILE C 22 -23.29 4.33 -31.80
CA ILE C 22 -22.68 3.11 -32.28
C ILE C 22 -21.70 3.44 -33.40
N GLN C 23 -22.13 4.28 -34.34
CA GLN C 23 -21.28 4.65 -35.46
C GLN C 23 -20.02 5.38 -34.97
N ALA C 24 -20.15 6.20 -33.93
CA ALA C 24 -18.98 6.91 -33.41
C ALA C 24 -17.93 5.92 -32.91
N ALA C 25 -18.38 4.88 -32.22
CA ALA C 25 -17.43 3.88 -31.71
C ALA C 25 -16.74 3.15 -32.86
N LEU C 26 -17.51 2.77 -33.88
CA LEU C 26 -16.93 2.06 -35.01
C LEU C 26 -15.99 2.93 -35.81
N ALA C 27 -16.28 4.23 -35.89
CA ALA C 27 -15.40 5.13 -36.64
C ALA C 27 -14.05 5.26 -35.94
N ARG C 28 -14.08 5.32 -34.62
CA ARG C 28 -12.83 5.42 -33.87
C ARG C 28 -12.07 4.09 -33.95
N ALA C 29 -12.80 2.98 -33.85
CA ALA C 29 -12.15 1.67 -33.91
C ALA C 29 -11.34 1.51 -35.19
N ARG C 30 -11.94 1.92 -36.31
CA ARG C 30 -11.30 1.81 -37.62
C ARG C 30 -9.96 2.54 -37.71
N LYS C 31 -9.75 3.53 -36.85
CA LYS C 31 -8.52 4.30 -36.83
C LYS C 31 -7.28 3.49 -36.45
N THR C 32 -7.44 2.49 -35.59
CA THR C 32 -6.31 1.69 -35.16
C THR C 32 -6.49 0.18 -35.23
N LEU C 33 -7.68 -0.27 -35.59
CA LEU C 33 -7.95 -1.71 -35.67
C LEU C 33 -8.29 -2.13 -37.08
N ARG C 34 -7.67 -3.21 -37.53
CA ARG C 34 -7.88 -3.73 -38.87
C ARG C 34 -8.79 -4.95 -38.85
N HIS C 35 -9.37 -5.24 -40.01
CA HIS C 35 -10.24 -6.40 -40.18
C HIS C 35 -11.42 -6.40 -39.23
N LEU C 36 -12.05 -5.23 -39.05
CA LEU C 36 -13.23 -5.12 -38.21
C LEU C 36 -14.34 -5.97 -38.81
N ASP C 37 -14.97 -6.81 -38.00
CA ASP C 37 -16.00 -7.72 -38.50
C ASP C 37 -17.39 -7.60 -37.91
N TRP C 38 -17.50 -7.54 -36.59
CA TRP C 38 -18.81 -7.47 -35.97
C TRP C 38 -18.79 -6.70 -34.66
N PHE C 39 -19.97 -6.36 -34.15
CA PHE C 39 -20.06 -5.68 -32.88
C PHE C 39 -21.23 -6.24 -32.11
N GLU C 40 -21.16 -6.09 -30.79
CA GLU C 40 -22.20 -6.58 -29.88
C GLU C 40 -22.49 -5.47 -28.89
N VAL C 41 -23.74 -5.06 -28.77
CA VAL C 41 -24.08 -4.02 -27.80
C VAL C 41 -24.21 -4.66 -26.42
N LYS C 42 -23.52 -4.08 -25.44
CA LYS C 42 -23.56 -4.60 -24.08
C LYS C 42 -24.47 -3.78 -23.18
N GLU C 43 -24.46 -2.47 -23.38
CA GLU C 43 -25.27 -1.55 -22.59
C GLU C 43 -25.65 -0.32 -23.37
N ILE C 44 -26.81 0.22 -23.05
CA ILE C 44 -27.25 1.48 -23.64
C ILE C 44 -27.58 2.34 -22.42
N ARG C 45 -26.95 3.50 -22.35
CA ARG C 45 -27.19 4.41 -21.24
C ARG C 45 -26.93 5.81 -21.72
N GLY C 46 -26.90 6.77 -20.81
CA GLY C 46 -26.66 8.14 -21.21
C GLY C 46 -26.84 9.15 -20.11
N THR C 47 -26.57 10.41 -20.44
CA THR C 47 -26.72 11.49 -19.49
C THR C 47 -28.01 12.24 -19.80
N ILE C 48 -28.51 12.98 -18.82
CA ILE C 48 -29.74 13.73 -18.97
C ILE C 48 -29.46 15.23 -18.91
N GLY C 49 -30.08 15.95 -19.84
CA GLY C 49 -29.90 17.39 -19.91
CA GLY C 49 -29.93 17.39 -19.90
C GLY C 49 -31.13 18.16 -19.50
C GLY C 49 -31.30 18.04 -19.77
N GLU C 50 -31.20 19.42 -19.92
N GLU C 50 -31.36 19.36 -19.90
CA GLU C 50 -32.32 20.29 -19.58
CA GLU C 50 -32.63 20.05 -19.77
C GLU C 50 -33.66 19.87 -20.18
C GLU C 50 -33.61 19.69 -20.88
N ALA C 51 -33.62 19.27 -21.38
N ALA C 51 -33.09 19.16 -21.99
CA ALA C 51 -34.85 18.86 -22.03
CA ALA C 51 -33.91 18.76 -23.13
C ALA C 51 -34.89 17.40 -22.49
C ALA C 51 -33.99 17.25 -23.27
N GLY C 52 -34.12 16.53 -21.85
N GLY C 52 -34.04 16.56 -22.14
CA GLY C 52 -34.12 15.12 -22.21
CA GLY C 52 -34.12 15.11 -22.19
C GLY C 52 -32.74 14.49 -22.23
N VAL C 53 -32.52 13.59 -23.18
CA VAL C 53 -31.21 12.95 -23.29
C VAL C 53 -30.19 13.98 -23.71
N LYS C 54 -29.05 14.02 -23.00
CA LYS C 54 -27.98 14.92 -23.37
C LYS C 54 -27.07 14.12 -24.30
N GLU C 55 -26.47 13.07 -23.76
CA GLU C 55 -25.56 12.24 -24.55
C GLU C 55 -25.93 10.77 -24.47
N TYR C 56 -26.08 10.13 -25.62
CA TYR C 56 -26.34 8.68 -25.65
C TYR C 56 -24.98 8.02 -25.54
N GLN C 57 -24.94 6.92 -24.79
CA GLN C 57 -23.68 6.19 -24.60
C GLN C 57 -23.95 4.71 -24.83
N VAL C 58 -23.32 4.14 -25.85
CA VAL C 58 -23.55 2.72 -26.12
C VAL C 58 -22.25 1.95 -25.92
N VAL C 59 -22.29 1.03 -24.96
CA VAL C 59 -21.14 0.20 -24.65
C VAL C 59 -21.19 -1.00 -25.58
N LEU C 60 -20.13 -1.22 -26.33
CA LEU C 60 -20.14 -2.37 -27.22
C LEU C 60 -18.82 -3.06 -27.32
N GLU C 61 -18.87 -4.31 -27.79
CA GLU C 61 -17.66 -5.08 -28.01
C GLU C 61 -17.50 -5.08 -29.52
N VAL C 62 -16.28 -4.85 -29.98
CA VAL C 62 -16.00 -4.86 -31.40
C VAL C 62 -15.04 -6.01 -31.68
N GLY C 63 -15.45 -6.90 -32.59
CA GLY C 63 -14.63 -8.06 -32.93
C GLY C 63 -13.94 -7.87 -34.25
N PHE C 64 -12.67 -8.23 -34.30
CA PHE C 64 -11.87 -8.09 -35.51
C PHE C 64 -10.86 -9.22 -35.61
N ARG C 65 -10.47 -9.55 -36.83
CA ARG C 65 -9.52 -10.63 -37.05
C ARG C 65 -8.08 -10.18 -36.83
N LEU C 66 -7.31 -10.99 -36.12
CA LEU C 66 -5.91 -10.68 -35.88
C LEU C 66 -5.10 -11.15 -37.07
N GLU C 67 -4.06 -10.38 -37.41
CA GLU C 67 -3.21 -10.72 -38.55
C GLU C 67 -2.15 -11.76 -38.19
N GLU C 68 -1.46 -12.25 -39.22
CA GLU C 68 -0.41 -13.26 -39.08
C GLU C 68 0.46 -13.14 -37.85
N GLY D 2 -55.86 -21.53 -18.58
CA GLY D 2 -56.39 -20.44 -19.47
C GLY D 2 -55.62 -20.38 -20.78
N LYS D 3 -55.56 -19.19 -21.36
CA LYS D 3 -54.85 -18.97 -22.62
C LYS D 3 -53.38 -19.34 -22.52
N VAL D 4 -52.81 -19.71 -23.67
CA VAL D 4 -51.40 -20.06 -23.73
C VAL D 4 -50.78 -19.30 -24.90
N TYR D 5 -49.58 -18.78 -24.67
CA TYR D 5 -48.86 -18.05 -25.70
C TYR D 5 -47.60 -18.81 -26.03
N LYS D 6 -47.02 -18.50 -27.19
CA LYS D 6 -45.78 -19.14 -27.60
C LYS D 6 -44.80 -18.04 -27.95
N LYS D 7 -43.52 -18.30 -27.75
CA LYS D 7 -42.48 -17.32 -28.08
C LYS D 7 -41.48 -17.93 -29.04
N VAL D 8 -41.25 -17.24 -30.16
CA VAL D 8 -40.28 -17.69 -31.15
C VAL D 8 -39.15 -16.68 -31.15
N GLU D 9 -37.94 -17.14 -31.45
CA GLU D 9 -36.79 -16.26 -31.47
C GLU D 9 -36.37 -16.01 -32.92
N LEU D 10 -36.36 -14.74 -33.29
CA LEU D 10 -35.99 -14.31 -34.64
C LEU D 10 -34.93 -13.23 -34.58
N VAL D 11 -34.18 -13.11 -35.65
CA VAL D 11 -33.16 -12.07 -35.73
C VAL D 11 -33.52 -11.22 -36.93
N GLY D 12 -33.95 -10.00 -36.69
CA GLY D 12 -34.28 -9.13 -37.81
C GLY D 12 -33.03 -8.35 -38.16
N THR D 13 -32.84 -8.07 -39.45
CA THR D 13 -31.67 -7.29 -39.85
C THR D 13 -32.08 -6.18 -40.80
N SER D 14 -31.24 -5.15 -40.85
CA SER D 14 -31.46 -4.01 -41.72
C SER D 14 -30.21 -3.16 -41.77
N GLU D 15 -29.94 -2.57 -42.93
CA GLU D 15 -28.79 -1.69 -43.05
C GLU D 15 -29.20 -0.29 -42.59
N GLU D 16 -30.51 -0.08 -42.44
CA GLU D 16 -31.01 1.25 -42.06
C GLU D 16 -30.96 1.61 -40.58
N GLY D 17 -31.31 0.67 -39.71
CA GLY D 17 -31.29 0.98 -38.29
C GLY D 17 -31.93 -0.07 -37.43
N LEU D 18 -31.97 0.21 -36.13
CA LEU D 18 -32.54 -0.70 -35.14
C LEU D 18 -34.03 -0.94 -35.33
N GLU D 19 -34.79 0.14 -35.46
CA GLU D 19 -36.22 0.03 -35.66
C GLU D 19 -36.53 -0.77 -36.92
N ALA D 20 -35.80 -0.48 -38.00
CA ALA D 20 -36.01 -1.19 -39.25
C ALA D 20 -35.72 -2.68 -39.09
N ALA D 21 -34.71 -3.02 -38.31
CA ALA D 21 -34.37 -4.42 -38.09
C ALA D 21 -35.50 -5.12 -37.32
N ILE D 22 -36.02 -4.45 -36.31
CA ILE D 22 -37.12 -5.00 -35.51
C ILE D 22 -38.32 -5.21 -36.42
N GLN D 23 -38.65 -4.19 -37.22
CA GLN D 23 -39.78 -4.28 -38.13
C GLN D 23 -39.63 -5.42 -39.13
N ALA D 24 -38.40 -5.68 -39.60
CA ALA D 24 -38.17 -6.75 -40.56
C ALA D 24 -38.53 -8.10 -39.93
N ALA D 25 -38.12 -8.31 -38.68
CA ALA D 25 -38.44 -9.56 -38.02
C ALA D 25 -39.95 -9.72 -37.84
N LEU D 26 -40.63 -8.64 -37.44
CA LEU D 26 -42.06 -8.70 -37.22
C LEU D 26 -42.82 -8.94 -38.52
N ALA D 27 -42.34 -8.33 -39.61
CA ALA D 27 -42.98 -8.52 -40.91
C ALA D 27 -42.87 -9.98 -41.33
N ARG D 28 -41.73 -10.60 -41.07
CA ARG D 28 -41.54 -11.99 -41.44
C ARG D 28 -42.40 -12.92 -40.58
N ALA D 29 -42.50 -12.61 -39.29
CA ALA D 29 -43.30 -13.42 -38.39
C ALA D 29 -44.76 -13.46 -38.85
N ARG D 30 -45.23 -12.32 -39.36
CA ARG D 30 -46.61 -12.19 -39.82
C ARG D 30 -46.97 -13.12 -40.98
N LYS D 31 -45.99 -13.54 -41.76
CA LYS D 31 -46.25 -14.42 -42.90
C LYS D 31 -46.78 -15.80 -42.55
N THR D 32 -46.36 -16.34 -41.41
CA THR D 32 -46.79 -17.68 -41.04
C THR D 32 -47.35 -17.83 -39.64
N LEU D 33 -47.34 -16.76 -38.86
CA LEU D 33 -47.85 -16.83 -37.49
C LEU D 33 -49.10 -15.98 -37.32
N ARG D 34 -49.87 -16.28 -36.29
CA ARG D 34 -51.11 -15.56 -36.00
C ARG D 34 -51.09 -14.99 -34.59
N HIS D 35 -51.89 -13.96 -34.38
CA HIS D 35 -52.04 -13.34 -33.06
C HIS D 35 -50.75 -12.83 -32.44
N LEU D 36 -49.94 -12.15 -33.24
CA LEU D 36 -48.68 -11.59 -32.74
C LEU D 36 -49.05 -10.50 -31.73
N ASP D 37 -48.51 -10.62 -30.52
CA ASP D 37 -48.84 -9.67 -29.46
C ASP D 37 -47.74 -8.77 -28.91
N TRP D 38 -46.56 -9.33 -28.66
CA TRP D 38 -45.48 -8.51 -28.12
C TRP D 38 -44.12 -9.04 -28.52
N PHE D 39 -43.09 -8.23 -28.31
CA PHE D 39 -41.73 -8.67 -28.61
C PHE D 39 -40.80 -8.17 -27.51
N GLU D 40 -39.67 -8.86 -27.38
CA GLU D 40 -38.66 -8.53 -26.38
C GLU D 40 -37.31 -8.58 -27.07
N VAL D 41 -36.54 -7.50 -26.97
CA VAL D 41 -35.22 -7.51 -27.58
C VAL D 41 -34.26 -8.24 -26.65
N LYS D 42 -33.57 -9.24 -27.20
CA LYS D 42 -32.62 -10.03 -26.42
C LYS D 42 -31.20 -9.55 -26.62
N GLU D 43 -30.87 -9.19 -27.86
CA GLU D 43 -29.52 -8.73 -28.16
C GLU D 43 -29.53 -7.79 -29.36
N ILE D 44 -28.56 -6.89 -29.38
CA ILE D 44 -28.39 -5.98 -30.49
C ILE D 44 -26.94 -6.17 -30.89
N ARG D 45 -26.72 -6.51 -32.15
CA ARG D 45 -25.36 -6.69 -32.63
C ARG D 45 -25.37 -6.32 -34.10
N GLY D 46 -24.28 -6.60 -34.80
CA GLY D 46 -24.26 -6.27 -36.20
C GLY D 46 -22.92 -6.51 -36.86
N THR D 47 -22.87 -6.28 -38.16
CA THR D 47 -21.63 -6.46 -38.89
C THR D 47 -21.03 -5.10 -39.21
N ILE D 48 -19.74 -5.08 -39.49
CA ILE D 48 -19.03 -3.85 -39.80
C ILE D 48 -18.52 -3.85 -41.23
N GLY D 49 -18.68 -2.69 -41.89
CA GLY D 49 -18.24 -2.52 -43.25
C GLY D 49 -17.39 -1.26 -43.37
N GLU D 50 -17.03 -0.90 -44.59
CA GLU D 50 -16.19 0.27 -44.83
C GLU D 50 -16.75 1.60 -44.32
N ALA D 51 -18.07 1.68 -44.14
CA ALA D 51 -18.69 2.92 -43.67
C ALA D 51 -19.27 2.80 -42.28
N GLY D 52 -18.76 1.86 -41.49
CA GLY D 52 -19.25 1.67 -40.15
C GLY D 52 -20.19 0.47 -40.10
N VAL D 53 -21.36 0.65 -39.51
CA VAL D 53 -22.31 -0.46 -39.44
C VAL D 53 -22.71 -0.89 -40.85
N LYS D 54 -22.64 -2.20 -41.11
CA LYS D 54 -23.05 -2.72 -42.40
C LYS D 54 -24.49 -3.18 -42.22
N GLU D 55 -24.69 -4.12 -41.32
CA GLU D 55 -26.02 -4.65 -41.06
C GLU D 55 -26.32 -4.66 -39.57
N TYR D 56 -27.43 -4.04 -39.17
CA TYR D 56 -27.86 -4.06 -37.77
C TYR D 56 -28.60 -5.38 -37.62
N GLN D 57 -28.38 -6.06 -36.50
CA GLN D 57 -29.03 -7.34 -36.25
C GLN D 57 -29.65 -7.31 -34.86
N VAL D 58 -30.97 -7.39 -34.80
CA VAL D 58 -31.66 -7.37 -33.53
C VAL D 58 -32.29 -8.73 -33.25
N VAL D 59 -31.81 -9.38 -32.19
CA VAL D 59 -32.31 -10.68 -31.78
C VAL D 59 -33.50 -10.43 -30.88
N LEU D 60 -34.63 -11.02 -31.21
CA LEU D 60 -35.77 -10.80 -30.37
C LEU D 60 -36.67 -12.00 -30.21
N GLU D 61 -37.47 -11.98 -29.15
CA GLU D 61 -38.44 -13.02 -28.89
C GLU D 61 -39.78 -12.40 -29.28
N VAL D 62 -40.57 -13.14 -30.04
CA VAL D 62 -41.88 -12.65 -30.46
C VAL D 62 -42.91 -13.54 -29.80
N GLY D 63 -43.79 -12.92 -29.02
CA GLY D 63 -44.83 -13.66 -28.34
C GLY D 63 -46.16 -13.54 -29.05
N PHE D 64 -46.84 -14.67 -29.20
CA PHE D 64 -48.13 -14.69 -29.87
C PHE D 64 -49.08 -15.67 -29.20
N ARG D 65 -50.37 -15.41 -29.32
CA ARG D 65 -51.35 -16.28 -28.69
C ARG D 65 -51.64 -17.53 -29.52
N LEU D 66 -51.72 -18.67 -28.86
CA LEU D 66 -52.04 -19.91 -29.52
C LEU D 66 -53.56 -20.09 -29.52
N GLU D 67 -54.07 -20.72 -30.58
CA GLU D 67 -55.49 -20.97 -30.70
C GLU D 67 -55.98 -21.90 -29.58
N GLU D 68 -57.20 -21.65 -29.11
CA GLU D 68 -57.79 -22.47 -28.05
C GLU D 68 -58.05 -23.89 -28.51
N THR D 69 -57.81 -24.84 -27.60
CA THR D 69 -58.00 -26.26 -27.85
C THR D 69 -59.20 -26.58 -28.74
N GLY E 2 32.43 14.57 13.88
CA GLY E 2 33.27 15.41 14.77
C GLY E 2 33.50 14.76 16.11
N LYS E 3 33.64 15.57 17.14
CA LYS E 3 33.87 15.04 18.47
C LYS E 3 32.64 14.26 18.90
N VAL E 4 32.83 13.31 19.80
CA VAL E 4 31.73 12.51 20.33
C VAL E 4 31.83 12.51 21.84
N TYR E 5 30.69 12.70 22.50
CA TYR E 5 30.65 12.71 23.95
C TYR E 5 29.84 11.52 24.42
N LYS E 6 30.03 11.17 25.69
CA LYS E 6 29.28 10.08 26.29
C LYS E 6 28.62 10.67 27.54
N LYS E 7 27.44 10.17 27.87
CA LYS E 7 26.73 10.63 29.06
C LYS E 7 26.51 9.44 29.97
N VAL E 8 26.95 9.56 31.21
CA VAL E 8 26.74 8.50 32.19
C VAL E 8 25.78 9.02 33.25
N GLU E 9 24.97 8.13 33.82
CA GLU E 9 24.00 8.53 34.83
C GLU E 9 24.50 8.12 36.21
N LEU E 10 24.66 9.11 37.07
CA LEU E 10 25.14 8.89 38.42
C LEU E 10 24.15 9.46 39.42
N VAL E 11 24.24 8.99 40.66
CA VAL E 11 23.39 9.52 41.71
C VAL E 11 24.29 9.94 42.86
N GLY E 12 24.39 11.24 43.08
CA GLY E 12 25.21 11.72 44.16
C GLY E 12 24.35 11.84 45.40
N THR E 13 24.93 11.64 46.58
CA THR E 13 24.15 11.77 47.80
C THR E 13 24.87 12.65 48.80
N SER E 14 24.10 13.25 49.69
CA SER E 14 24.62 14.12 50.73
C SER E 14 23.59 14.30 51.83
N GLU E 15 24.07 14.41 53.06
CA GLU E 15 23.19 14.63 54.20
C GLU E 15 23.00 16.14 54.36
N GLU E 16 23.79 16.91 53.63
CA GLU E 16 23.76 18.35 53.80
C GLU E 16 22.97 19.20 52.80
N GLY E 17 22.96 18.81 51.53
CA GLY E 17 22.24 19.61 50.55
C GLY E 17 22.35 19.14 49.12
N LEU E 18 21.64 19.83 48.24
CA LEU E 18 21.61 19.50 46.82
C LEU E 18 22.96 19.71 46.14
N GLU E 19 23.55 20.89 46.33
CA GLU E 19 24.83 21.18 45.73
C GLU E 19 25.89 20.17 46.17
N ALA E 20 25.89 19.83 47.46
CA ALA E 20 26.86 18.87 47.97
C ALA E 20 26.70 17.50 47.29
N ALA E 21 25.45 17.11 47.05
CA ALA E 21 25.19 15.83 46.40
C ALA E 21 25.71 15.85 44.96
N ILE E 22 25.49 16.96 44.28
CA ILE E 22 25.97 17.11 42.90
C ILE E 22 27.50 17.04 42.87
N GLN E 23 28.14 17.79 43.76
CA GLN E 23 29.60 17.82 43.83
C GLN E 23 30.15 16.43 44.14
N ALA E 24 29.45 15.66 44.98
CA ALA E 24 29.91 14.32 45.32
C ALA E 24 29.92 13.42 44.08
N ALA E 25 28.88 13.51 43.27
CA ALA E 25 28.83 12.70 42.06
C ALA E 25 29.94 13.10 41.10
N LEU E 26 30.15 14.40 40.93
CA LEU E 26 31.18 14.90 40.03
C LEU E 26 32.58 14.50 40.50
N ALA E 27 32.80 14.50 41.81
CA ALA E 27 34.09 14.12 42.35
C ALA E 27 34.36 12.64 42.08
N ARG E 28 33.33 11.81 42.19
CA ARG E 28 33.50 10.38 41.95
C ARG E 28 33.75 10.15 40.47
N ALA E 29 33.05 10.92 39.63
CA ALA E 29 33.21 10.81 38.19
C ALA E 29 34.65 11.08 37.76
N ARG E 30 35.23 12.11 38.36
CA ARG E 30 36.60 12.53 38.06
C ARG E 30 37.65 11.44 38.33
N LYS E 31 37.31 10.51 39.21
CA LYS E 31 38.23 9.43 39.56
C LYS E 31 38.54 8.47 38.43
N THR E 32 37.55 8.21 37.57
CA THR E 32 37.75 7.28 36.46
C THR E 32 37.47 7.84 35.07
N LEU E 33 36.82 8.99 34.99
CA LEU E 33 36.49 9.58 33.70
C LEU E 33 37.35 10.80 33.38
N ARG E 34 37.59 11.01 32.10
CA ARG E 34 38.38 12.13 31.63
C ARG E 34 37.52 13.05 30.78
N HIS E 35 37.94 14.31 30.67
CA HIS E 35 37.25 15.29 29.85
C HIS E 35 35.81 15.56 30.27
N LEU E 36 35.58 15.68 31.58
CA LEU E 36 34.24 15.96 32.09
C LEU E 36 33.87 17.37 31.65
N ASP E 37 32.71 17.52 31.00
CA ASP E 37 32.30 18.82 30.50
C ASP E 37 31.03 19.44 31.07
N TRP E 38 29.96 18.66 31.19
CA TRP E 38 28.71 19.23 31.69
C TRP E 38 27.86 18.19 32.41
N PHE E 39 26.85 18.66 33.12
CA PHE E 39 25.95 17.75 33.81
C PHE E 39 24.51 18.25 33.69
N GLU E 40 23.57 17.33 33.85
CA GLU E 40 22.15 17.65 33.76
C GLU E 40 21.44 16.93 34.90
N VAL E 41 20.70 17.67 35.73
CA VAL E 41 19.98 17.04 36.83
C VAL E 41 18.71 16.41 36.28
N LYS E 42 18.53 15.12 36.52
CA LYS E 42 17.36 14.40 36.03
C LYS E 42 16.28 14.26 37.09
N GLU E 43 16.71 14.06 38.33
CA GLU E 43 15.77 13.88 39.43
C GLU E 43 16.40 14.30 40.74
N ILE E 44 15.55 14.77 41.66
CA ILE E 44 15.96 15.13 43.00
C ILE E 44 15.02 14.36 43.91
N ARG E 45 15.58 13.51 44.76
CA ARG E 45 14.77 12.75 45.70
C ARG E 45 15.58 12.55 46.95
N GLY E 46 15.11 11.71 47.86
CA GLY E 46 15.87 11.50 49.08
C GLY E 46 15.15 10.60 50.05
N THR E 47 15.83 10.31 51.15
CA THR E 47 15.27 9.47 52.20
C THR E 47 14.91 10.35 53.37
N ILE E 48 14.03 9.86 54.22
CA ILE E 48 13.56 10.60 55.38
C ILE E 48 13.94 9.89 56.67
N GLY E 49 14.40 10.69 57.64
CA GLY E 49 14.79 10.14 58.92
CA GLY E 49 14.79 10.17 58.93
C GLY E 49 14.31 11.01 60.07
C GLY E 49 14.13 10.98 60.04
N GLU E 50 14.83 10.76 61.27
N GLU E 50 14.67 10.86 61.25
CA GLU E 50 14.44 11.51 62.45
CA GLU E 50 14.14 11.56 62.42
C GLU E 50 14.70 13.01 62.31
C GLU E 50 14.04 13.08 62.29
N ALA E 51 15.65 13.39 61.46
N ALA E 51 15.14 13.72 61.89
CA ALA E 51 15.97 14.80 61.28
CA ALA E 51 15.16 15.18 61.77
C ALA E 51 15.31 15.40 60.06
C ALA E 51 14.66 15.69 60.41
N GLY E 52 14.34 14.69 59.51
N GLY E 52 14.16 14.78 59.58
CA GLY E 52 13.69 15.17 58.30
CA GLY E 52 13.66 15.18 58.29
C GLY E 52 14.42 14.50 57.16
N VAL E 53 15.11 15.28 56.34
CA VAL E 53 15.87 14.67 55.25
C VAL E 53 16.98 13.84 55.88
N LYS E 54 17.18 12.62 55.40
CA LYS E 54 18.25 11.78 55.89
C LYS E 54 19.37 11.91 54.87
N GLU E 55 19.04 11.62 53.61
N GLU E 55 19.04 11.62 53.61
CA GLU E 55 19.98 11.71 52.51
CA GLU E 55 20.00 11.71 52.52
C GLU E 55 19.32 12.36 51.30
C GLU E 55 19.36 12.32 51.28
N TYR E 56 20.00 13.34 50.71
CA TYR E 56 19.49 13.97 49.50
C TYR E 56 20.12 13.11 48.42
N GLN E 57 19.35 12.79 47.38
CA GLN E 57 19.86 11.97 46.28
C GLN E 57 19.57 12.71 44.99
N VAL E 58 20.62 13.12 44.30
CA VAL E 58 20.47 13.84 43.05
C VAL E 58 20.93 12.98 41.88
N VAL E 59 19.99 12.65 41.00
CA VAL E 59 20.29 11.84 39.84
C VAL E 59 20.70 12.78 38.72
N LEU E 60 21.86 12.54 38.14
CA LEU E 60 22.29 13.42 37.06
C LEU E 60 23.00 12.69 35.94
N GLU E 61 23.02 13.33 34.78
CA GLU E 61 23.73 12.79 33.64
C GLU E 61 25.00 13.63 33.58
N VAL E 62 26.14 12.97 33.38
CA VAL E 62 27.42 13.65 33.30
C VAL E 62 27.95 13.41 31.89
N GLY E 63 28.18 14.50 31.16
CA GLY E 63 28.68 14.40 29.80
C GLY E 63 30.16 14.66 29.75
N PHE E 64 30.89 13.82 29.02
CA PHE E 64 32.34 13.95 28.89
C PHE E 64 32.77 13.57 27.48
N ARG E 65 33.86 14.17 27.02
CA ARG E 65 34.34 13.89 25.67
C ARG E 65 35.12 12.59 25.59
N LEU E 66 34.82 11.79 24.57
CA LEU E 66 35.52 10.53 24.37
C LEU E 66 36.80 10.76 23.58
N GLU E 67 37.84 9.99 23.91
CA GLU E 67 39.13 10.11 23.23
C GLU E 67 38.98 9.61 21.80
N GLU E 68 39.62 10.31 20.85
CA GLU E 68 39.55 9.92 19.46
C GLU E 68 40.43 8.69 19.25
N THR E 69 39.87 7.52 19.54
CA THR E 69 40.59 6.25 19.42
C THR E 69 41.59 6.28 18.27
N LYS F 3 27.91 8.21 49.69
CA LYS F 3 27.75 7.15 48.65
C LYS F 3 27.38 7.74 47.30
N VAL F 4 27.84 7.08 46.24
CA VAL F 4 27.54 7.49 44.87
C VAL F 4 27.12 6.24 44.12
N TYR F 5 26.01 6.34 43.40
CA TYR F 5 25.50 5.21 42.63
C TYR F 5 25.60 5.51 41.16
N LYS F 6 25.53 4.46 40.36
CA LYS F 6 25.56 4.61 38.92
C LYS F 6 24.36 3.83 38.38
N LYS F 7 23.81 4.29 37.26
CA LYS F 7 22.68 3.62 36.64
C LYS F 7 23.03 3.24 35.21
N VAL F 8 22.81 1.98 34.87
CA VAL F 8 23.07 1.52 33.51
C VAL F 8 21.74 1.10 32.90
N GLU F 9 21.63 1.16 31.58
CA GLU F 9 20.40 0.79 30.92
C GLU F 9 20.58 -0.54 30.16
N LEU F 10 19.76 -1.51 30.53
CA LEU F 10 19.80 -2.83 29.91
C LEU F 10 18.44 -3.21 29.40
N VAL F 11 18.40 -4.13 28.45
CA VAL F 11 17.14 -4.61 27.93
C VAL F 11 17.13 -6.12 28.12
N GLY F 12 16.34 -6.60 29.06
CA GLY F 12 16.25 -8.03 29.26
C GLY F 12 15.19 -8.59 28.34
N THR F 13 15.40 -9.81 27.84
CA THR F 13 14.41 -10.41 26.97
C THR F 13 14.14 -11.84 27.38
N SER F 14 12.94 -12.30 27.06
CA SER F 14 12.52 -13.65 27.36
C SER F 14 11.26 -13.98 26.57
N GLU F 15 11.14 -15.23 26.16
CA GLU F 15 9.95 -15.67 25.43
C GLU F 15 8.86 -16.04 26.43
N GLU F 16 9.25 -16.16 27.70
CA GLU F 16 8.32 -16.57 28.74
C GLU F 16 7.42 -15.49 29.35
N GLY F 17 7.99 -14.34 29.67
CA GLY F 17 7.19 -13.29 30.26
C GLY F 17 8.00 -12.10 30.73
N LEU F 18 7.32 -11.15 31.35
CA LEU F 18 7.94 -9.92 31.84
C LEU F 18 8.94 -10.14 32.97
N GLU F 19 8.55 -10.91 33.98
CA GLU F 19 9.44 -11.19 35.09
C GLU F 19 10.70 -11.91 34.61
N ALA F 20 10.53 -12.87 33.72
CA ALA F 20 11.67 -13.61 33.19
C ALA F 20 12.62 -12.69 32.45
N ALA F 21 12.06 -11.74 31.70
CA ALA F 21 12.87 -10.78 30.95
C ALA F 21 13.67 -9.91 31.93
N ILE F 22 13.02 -9.48 33.00
CA ILE F 22 13.70 -8.66 34.01
C ILE F 22 14.82 -9.47 34.66
N GLN F 23 14.53 -10.73 35.00
CA GLN F 23 15.52 -11.59 35.63
C GLN F 23 16.74 -11.77 34.72
N ALA F 24 16.49 -11.87 33.41
CA ALA F 24 17.60 -12.05 32.46
C ALA F 24 18.54 -10.86 32.50
N ALA F 25 17.98 -9.65 32.53
CA ALA F 25 18.82 -8.46 32.57
C ALA F 25 19.62 -8.38 33.87
N LEU F 26 18.97 -8.69 34.99
CA LEU F 26 19.65 -8.62 36.27
C LEU F 26 20.74 -9.67 36.37
N ALA F 27 20.52 -10.85 35.80
CA ALA F 27 21.53 -11.91 35.85
C ALA F 27 22.78 -11.48 35.09
N ARG F 28 22.60 -10.81 33.96
CA ARG F 28 23.76 -10.38 33.20
C ARG F 28 24.47 -9.23 33.91
N ALA F 29 23.70 -8.35 34.52
CA ALA F 29 24.28 -7.22 35.25
C ALA F 29 25.20 -7.74 36.34
N ARG F 30 24.75 -8.76 37.05
CA ARG F 30 25.52 -9.36 38.15
C ARG F 30 26.88 -9.89 37.72
N LYS F 31 27.03 -10.26 36.45
CA LYS F 31 28.29 -10.80 35.94
C LYS F 31 29.46 -9.81 36.08
N THR F 32 29.19 -8.53 35.89
CA THR F 32 30.25 -7.52 35.96
C THR F 32 30.03 -6.36 36.92
N LEU F 33 28.81 -6.24 37.45
CA LEU F 33 28.49 -5.15 38.35
C LEU F 33 28.28 -5.59 39.79
N ARG F 34 28.93 -4.88 40.71
CA ARG F 34 28.82 -5.17 42.13
C ARG F 34 27.84 -4.21 42.80
N HIS F 35 27.35 -4.59 43.97
CA HIS F 35 26.44 -3.77 44.74
C HIS F 35 25.15 -3.36 44.02
N LEU F 36 24.53 -4.31 43.31
CA LEU F 36 23.27 -4.04 42.61
C LEU F 36 22.22 -3.74 43.66
N ASP F 37 21.52 -2.61 43.52
CA ASP F 37 20.53 -2.20 44.50
C ASP F 37 19.08 -2.08 44.07
N TRP F 38 18.81 -1.45 42.94
CA TRP F 38 17.43 -1.29 42.51
C TRP F 38 17.32 -1.22 40.99
N PHE F 39 16.10 -1.31 40.49
CA PHE F 39 15.88 -1.20 39.06
C PHE F 39 14.61 -0.40 38.81
N GLU F 40 14.51 0.16 37.62
CA GLU F 40 13.35 0.95 37.21
C GLU F 40 13.00 0.53 35.80
N VAL F 41 11.74 0.14 35.58
CA VAL F 41 11.33 -0.24 34.24
C VAL F 41 11.06 1.02 33.44
N LYS F 42 11.73 1.16 32.30
CA LYS F 42 11.55 2.32 31.43
C LYS F 42 10.56 2.05 30.31
N GLU F 43 10.60 0.85 29.76
CA GLU F 43 9.70 0.50 28.67
C GLU F 43 9.45 -1.00 28.64
N ILE F 44 8.29 -1.38 28.14
CA ILE F 44 7.95 -2.78 27.94
C ILE F 44 7.54 -2.85 26.47
N ARG F 45 8.19 -3.71 25.72
CA ARG F 45 7.88 -3.88 24.30
C ARG F 45 8.21 -5.30 23.92
N GLY F 46 8.18 -5.61 22.63
CA GLY F 46 8.49 -6.96 22.25
C GLY F 46 8.25 -7.20 20.78
N THR F 47 8.59 -8.40 20.34
CA THR F 47 8.41 -8.78 18.95
C THR F 47 7.21 -9.69 18.82
N ILE F 48 6.71 -9.81 17.60
CA ILE F 48 5.53 -10.61 17.33
C ILE F 48 5.81 -11.72 16.32
N GLY F 49 5.25 -12.90 16.60
CA GLY F 49 5.39 -14.04 15.73
C GLY F 49 4.02 -14.59 15.43
N GLU F 50 3.96 -15.71 14.70
CA GLU F 50 2.67 -16.30 14.34
C GLU F 50 1.81 -16.70 15.54
N ALA F 51 2.44 -16.94 16.69
CA ALA F 51 1.71 -17.32 17.88
C ALA F 51 1.56 -16.19 18.89
N GLY F 52 1.71 -14.94 18.41
CA GLY F 52 1.58 -13.81 19.31
C GLY F 52 2.94 -13.28 19.75
N VAL F 53 3.11 -13.02 21.04
CA VAL F 53 4.39 -12.52 21.51
C VAL F 53 5.50 -13.51 21.21
N LYS F 54 6.56 -13.03 20.58
CA LYS F 54 7.71 -13.88 20.31
C LYS F 54 8.67 -13.64 21.47
N GLU F 55 9.18 -12.43 21.56
CA GLU F 55 10.11 -12.08 22.62
C GLU F 55 9.62 -10.87 23.41
N TYR F 56 9.53 -11.02 24.73
CA TYR F 56 9.16 -9.89 25.59
C TYR F 56 10.47 -9.15 25.82
N GLN F 57 10.42 -7.82 25.77
CA GLN F 57 11.61 -6.99 25.97
C GLN F 57 11.34 -5.92 27.01
N VAL F 58 12.08 -5.98 28.11
CA VAL F 58 11.90 -5.01 29.18
C VAL F 58 13.14 -4.13 29.30
N VAL F 59 12.96 -2.84 29.03
CA VAL F 59 14.04 -1.87 29.09
C VAL F 59 14.07 -1.35 30.51
N LEU F 60 15.20 -1.48 31.17
CA LEU F 60 15.27 -1.01 32.53
C LEU F 60 16.57 -0.37 32.90
N GLU F 61 16.51 0.47 33.93
CA GLU F 61 17.70 1.11 34.46
C GLU F 61 18.03 0.33 35.71
N VAL F 62 19.29 -0.03 35.86
CA VAL F 62 19.75 -0.77 37.03
C VAL F 62 20.71 0.11 37.81
N GLY F 63 20.39 0.34 39.08
CA GLY F 63 21.21 1.18 39.93
C GLY F 63 22.06 0.35 40.88
N PHE F 64 23.33 0.73 40.99
CA PHE F 64 24.27 0.04 41.86
C PHE F 64 25.22 1.01 42.51
N ARG F 65 25.74 0.66 43.68
CA ARG F 65 26.65 1.53 44.39
C ARG F 65 28.08 1.40 43.86
N LEU F 66 28.73 2.53 43.62
CA LEU F 66 30.11 2.53 43.14
C LEU F 66 31.05 2.32 44.31
N GLU F 67 32.20 1.69 44.05
CA GLU F 67 33.19 1.46 45.09
C GLU F 67 33.81 2.78 45.51
N GLU F 68 34.32 2.83 46.73
CA GLU F 68 34.96 4.03 47.27
C GLU F 68 36.41 4.13 46.82
N GLY G 2 16.64 -14.85 28.28
CA GLY G 2 17.22 -14.88 26.92
C GLY G 2 18.30 -13.84 26.73
N LYS G 3 18.41 -13.33 25.51
CA LYS G 3 19.41 -12.33 25.19
C LYS G 3 19.21 -11.05 25.99
N VAL G 4 20.32 -10.35 26.23
CA VAL G 4 20.28 -9.09 26.93
C VAL G 4 21.04 -8.07 26.11
N TYR G 5 20.47 -6.87 26.03
CA TYR G 5 21.09 -5.78 25.28
C TYR G 5 21.45 -4.68 26.26
N LYS G 6 22.32 -3.79 25.84
CA LYS G 6 22.70 -2.65 26.67
C LYS G 6 22.51 -1.41 25.83
N LYS G 7 22.18 -0.30 26.47
CA LYS G 7 22.00 0.97 25.75
C LYS G 7 22.96 1.98 26.37
N VAL G 8 23.74 2.64 25.51
CA VAL G 8 24.67 3.66 25.99
C VAL G 8 24.23 4.98 25.38
N GLU G 9 24.44 6.07 26.10
CA GLU G 9 24.03 7.37 25.60
C GLU G 9 25.25 8.15 25.12
N LEU G 10 25.21 8.52 23.84
CA LEU G 10 26.30 9.25 23.22
C LEU G 10 25.78 10.53 22.59
N VAL G 11 26.68 11.48 22.39
CA VAL G 11 26.30 12.70 21.71
C VAL G 11 27.25 12.84 20.53
N GLY G 12 26.72 12.62 19.34
CA GLY G 12 27.55 12.76 18.16
C GLY G 12 27.49 14.20 17.71
N THR G 13 28.63 14.74 17.28
CA THR G 13 28.63 16.12 16.81
C THR G 13 29.27 16.19 15.44
N SER G 14 28.89 17.21 14.68
CA SER G 14 29.43 17.42 13.35
C SER G 14 29.06 18.79 12.87
N GLU G 15 29.91 19.37 12.03
CA GLU G 15 29.63 20.68 11.46
C GLU G 15 28.96 20.49 10.10
N GLU G 16 28.87 19.24 9.66
CA GLU G 16 28.28 18.88 8.36
C GLU G 16 26.75 18.87 8.33
N GLY G 17 26.14 18.30 9.37
CA GLY G 17 24.70 18.21 9.41
C GLY G 17 24.22 17.17 10.39
N LEU G 18 22.90 16.98 10.46
CA LEU G 18 22.29 16.02 11.37
C LEU G 18 22.75 14.59 11.16
N GLU G 19 22.63 14.13 9.92
CA GLU G 19 23.03 12.77 9.62
C GLU G 19 24.51 12.54 9.99
N ALA G 20 25.36 13.51 9.64
CA ALA G 20 26.80 13.38 9.95
C ALA G 20 27.05 13.29 11.45
N ALA G 21 26.25 13.99 12.24
CA ALA G 21 26.39 13.96 13.70
C ALA G 21 26.04 12.56 14.19
N ILE G 22 24.94 12.01 13.67
CA ILE G 22 24.52 10.67 14.04
C ILE G 22 25.61 9.68 13.64
N GLN G 23 26.11 9.81 12.42
CA GLN G 23 27.15 8.90 11.94
C GLN G 23 28.42 9.00 12.78
N ALA G 24 28.76 10.20 13.25
CA ALA G 24 29.95 10.35 14.08
C ALA G 24 29.80 9.53 15.36
N ALA G 25 28.64 9.58 15.97
CA ALA G 25 28.42 8.82 17.20
C ALA G 25 28.53 7.31 16.95
N LEU G 26 27.93 6.84 15.87
CA LEU G 26 27.96 5.42 15.57
C LEU G 26 29.37 4.95 15.20
N ALA G 27 30.15 5.82 14.57
CA ALA G 27 31.51 5.44 14.21
C ALA G 27 32.35 5.27 15.47
N ARG G 28 32.14 6.15 16.45
CA ARG G 28 32.88 6.04 17.70
C ARG G 28 32.41 4.83 18.49
N ALA G 29 31.11 4.60 18.51
CA ALA G 29 30.57 3.45 19.25
C ALA G 29 31.19 2.14 18.77
N ARG G 30 31.32 2.00 17.46
CA ARG G 30 31.87 0.78 16.86
C ARG G 30 33.29 0.47 17.32
N LYS G 31 34.01 1.47 17.79
CA LYS G 31 35.39 1.24 18.23
C LYS G 31 35.54 0.44 19.52
N THR G 32 34.51 0.45 20.37
CA THR G 32 34.60 -0.29 21.62
C THR G 32 33.37 -1.13 21.95
N LEU G 33 32.33 -1.03 21.13
CA LEU G 33 31.11 -1.77 21.37
C LEU G 33 30.81 -2.74 20.24
N ARG G 34 30.50 -3.98 20.59
CA ARG G 34 30.21 -5.00 19.60
C ARG G 34 28.72 -5.27 19.48
N HIS G 35 28.34 -5.87 18.37
CA HIS G 35 26.95 -6.23 18.10
C HIS G 35 26.02 -5.02 18.16
N LEU G 36 26.44 -3.91 17.56
CA LEU G 36 25.61 -2.71 17.51
C LEU G 36 24.37 -3.03 16.69
N ASP G 37 23.20 -2.71 17.21
CA ASP G 37 21.95 -3.04 16.53
C ASP G 37 21.03 -1.88 16.15
N TRP G 38 20.75 -0.98 17.09
CA TRP G 38 19.84 0.12 16.78
C TRP G 38 20.20 1.38 17.54
N PHE G 39 19.59 2.50 17.15
CA PHE G 39 19.82 3.76 17.85
C PHE G 39 18.50 4.50 17.96
N GLU G 40 18.44 5.39 18.93
CA GLU G 40 17.25 6.19 19.18
C GLU G 40 17.71 7.61 19.43
N VAL G 41 17.19 8.57 18.67
CA VAL G 41 17.56 9.97 18.88
C VAL G 41 16.76 10.51 20.05
N LYS G 42 17.45 11.12 21.01
CA LYS G 42 16.79 11.68 22.19
C LYS G 42 16.66 13.20 22.09
N GLU G 43 17.67 13.84 21.54
CA GLU G 43 17.68 15.29 21.40
C GLU G 43 18.48 15.71 20.19
N ILE G 44 18.10 16.83 19.61
CA ILE G 44 18.83 17.43 18.50
C ILE G 44 19.05 18.87 18.96
N ARG G 45 20.31 19.27 19.03
CA ARG G 45 20.63 20.63 19.45
C ARG G 45 21.92 21.03 18.78
N GLY G 46 22.48 22.16 19.19
CA GLY G 46 23.73 22.58 18.58
C GLY G 46 24.17 23.98 19.00
N THR G 47 25.32 24.38 18.48
CA THR G 47 25.86 25.69 18.79
C THR G 47 25.64 26.59 17.59
N ILE G 48 25.68 27.90 17.83
CA ILE G 48 25.47 28.88 16.78
C ILE G 48 26.74 29.68 16.51
N GLY G 49 27.05 29.83 15.23
CA GLY G 49 28.22 30.57 14.82
CA GLY G 49 28.22 30.56 14.82
C GLY G 49 27.84 31.92 14.25
C GLY G 49 27.87 31.70 13.88
N GLU G 50 28.75 32.51 13.49
N GLU G 50 28.88 32.29 13.25
CA GLU G 50 28.49 33.82 12.90
CA GLU G 50 28.66 33.39 12.32
C GLU G 50 27.61 33.76 11.66
C GLU G 50 27.85 32.99 11.10
N ALA G 51 27.47 32.57 11.07
N ALA G 51 27.95 31.71 10.70
CA ALA G 51 26.67 32.42 9.87
CA ALA G 51 27.23 31.23 9.54
C ALA G 51 25.53 31.42 9.98
C ALA G 51 26.08 30.31 9.93
N GLY G 52 25.33 30.86 11.17
N GLY G 52 25.34 30.70 10.96
CA GLY G 52 24.26 29.90 11.38
CA GLY G 52 24.22 29.89 11.40
C GLY G 52 24.66 28.80 12.34
N VAL G 53 24.31 27.55 12.02
CA VAL G 53 24.69 26.45 12.90
C VAL G 53 26.20 26.28 12.84
N LYS G 54 26.83 26.16 14.00
CA LYS G 54 28.27 25.92 14.05
C LYS G 54 28.43 24.41 14.12
N GLU G 55 27.95 23.82 15.20
CA GLU G 55 28.07 22.38 15.37
C GLU G 55 26.71 21.74 15.69
N TYR G 56 26.34 20.72 14.93
CA TYR G 56 25.11 19.98 15.22
C TYR G 56 25.47 18.95 16.28
N GLN G 57 24.57 18.76 17.24
CA GLN G 57 24.81 17.80 18.32
C GLN G 57 23.57 16.94 18.45
N VAL G 58 23.74 15.64 18.23
CA VAL G 58 22.62 14.73 18.33
C VAL G 58 22.82 13.75 19.47
N VAL G 59 21.95 13.83 20.47
CA VAL G 59 22.02 12.95 21.62
C VAL G 59 21.26 11.69 21.27
N LEU G 60 21.92 10.55 21.38
CA LEU G 60 21.21 9.33 21.07
C LEU G 60 21.58 8.16 21.97
N GLU G 61 20.73 7.16 21.96
CA GLU G 61 20.97 5.94 22.71
C GLU G 61 21.33 4.92 21.67
N VAL G 62 22.38 4.14 21.92
CA VAL G 62 22.80 3.10 21.00
C VAL G 62 22.61 1.77 21.71
N GLY G 63 21.86 0.86 21.07
CA GLY G 63 21.59 -0.44 21.65
C GLY G 63 22.41 -1.52 20.98
N PHE G 64 22.98 -2.40 21.78
CA PHE G 64 23.81 -3.48 21.27
C PHE G 64 23.64 -4.72 22.12
N ARG G 65 23.87 -5.89 21.52
CA ARG G 65 23.71 -7.14 22.23
C ARG G 65 24.94 -7.46 23.08
N LEU G 66 24.71 -7.88 24.31
CA LEU G 66 25.82 -8.26 25.18
C LEU G 66 26.21 -9.71 24.88
N GLU G 67 27.50 -9.98 24.98
CA GLU G 67 28.01 -11.33 24.71
C GLU G 67 27.88 -12.24 25.91
N GLU G 68 28.08 -13.54 25.66
CA GLU G 68 28.00 -14.58 26.69
C GLU G 68 28.51 -14.13 28.05
N GLY H 2 -17.68 21.47 13.32
CA GLY H 2 -17.01 21.83 12.03
C GLY H 2 -16.24 20.65 11.45
N LYS H 3 -15.21 20.96 10.68
CA LYS H 3 -14.38 19.93 10.05
C LYS H 3 -13.72 19.02 11.07
N VAL H 4 -13.44 17.81 10.65
CA VAL H 4 -12.78 16.83 11.51
C VAL H 4 -11.60 16.24 10.74
N TYR H 5 -10.48 16.09 11.43
CA TYR H 5 -9.28 15.50 10.83
C TYR H 5 -8.97 14.20 11.54
N LYS H 6 -8.16 13.37 10.90
CA LYS H 6 -7.76 12.10 11.49
C LYS H 6 -6.24 12.04 11.41
N LYS H 7 -5.64 11.36 12.37
CA LYS H 7 -4.18 11.21 12.40
C LYS H 7 -3.81 9.75 12.42
N VAL H 8 -2.95 9.35 11.50
CA VAL H 8 -2.48 7.97 11.43
C VAL H 8 -0.99 7.98 11.75
N GLU H 9 -0.51 6.91 12.37
CA GLU H 9 0.90 6.83 12.73
C GLU H 9 1.61 5.86 11.80
N LEU H 10 2.63 6.39 11.11
CA LEU H 10 3.43 5.63 10.17
C LEU H 10 4.90 5.76 10.49
N VAL H 11 5.68 4.78 10.05
CA VAL H 11 7.12 4.82 10.25
C VAL H 11 7.74 4.74 8.86
N GLY H 12 8.30 5.85 8.40
CA GLY H 12 8.93 5.84 7.09
C GLY H 12 10.38 5.44 7.29
N THR H 13 10.94 4.70 6.33
CA THR H 13 12.35 4.31 6.44
C THR H 13 13.08 4.59 5.15
N SER H 14 14.39 4.75 5.26
CA SER H 14 15.25 5.00 4.12
C SER H 14 16.70 4.82 4.52
N GLU H 15 17.52 4.33 3.60
CA GLU H 15 18.94 4.18 3.90
C GLU H 15 19.62 5.50 3.56
N GLU H 16 18.91 6.39 2.87
CA GLU H 16 19.49 7.66 2.45
C GLU H 16 19.53 8.78 3.49
N GLY H 17 18.45 8.96 4.24
CA GLY H 17 18.44 10.03 5.23
C GLY H 17 17.09 10.27 5.86
N LEU H 18 17.05 11.26 6.73
CA LEU H 18 15.83 11.61 7.45
C LEU H 18 14.72 12.10 6.53
N GLU H 19 15.05 13.05 5.67
CA GLU H 19 14.06 13.59 4.74
C GLU H 19 13.50 12.48 3.85
N ALA H 20 14.37 11.61 3.36
CA ALA H 20 13.94 10.51 2.51
C ALA H 20 13.00 9.58 3.26
N ALA H 21 13.27 9.37 4.55
CA ALA H 21 12.40 8.48 5.34
C ALA H 21 11.03 9.12 5.51
N ILE H 22 11.01 10.42 5.77
CA ILE H 22 9.76 11.15 5.92
C ILE H 22 8.97 11.07 4.62
N GLN H 23 9.64 11.34 3.51
CA GLN H 23 9.01 11.29 2.20
C GLN H 23 8.44 9.91 1.88
N ALA H 24 9.14 8.85 2.30
CA ALA H 24 8.66 7.49 2.04
C ALA H 24 7.32 7.26 2.73
N ALA H 25 7.20 7.72 3.97
CA ALA H 25 5.94 7.55 4.69
C ALA H 25 4.82 8.33 4.03
N LEU H 26 5.10 9.57 3.62
CA LEU H 26 4.08 10.39 2.98
C LEU H 26 3.65 9.82 1.65
N ALA H 27 4.60 9.27 0.90
CA ALA H 27 4.28 8.67 -0.39
C ALA H 27 3.35 7.47 -0.19
N ARG H 28 3.59 6.69 0.85
CA ARG H 28 2.75 5.53 1.11
C ARG H 28 1.36 5.96 1.57
N ALA H 29 1.30 7.01 2.40
CA ALA H 29 0.02 7.50 2.88
C ALA H 29 -0.87 7.92 1.71
N ARG H 30 -0.25 8.52 0.69
CA ARG H 30 -0.97 9.00 -0.49
C ARG H 30 -1.70 7.89 -1.25
N LYS H 31 -1.18 6.67 -1.18
CA LYS H 31 -1.79 5.53 -1.87
C LYS H 31 -3.23 5.22 -1.49
N THR H 32 -3.58 5.42 -0.22
CA THR H 32 -4.92 5.08 0.24
C THR H 32 -5.65 6.16 1.03
N LEU H 33 -4.99 7.28 1.28
CA LEU H 33 -5.62 8.35 2.04
C LEU H 33 -5.83 9.60 1.20
N ARG H 34 -6.74 10.46 1.64
CA ARG H 34 -7.05 11.69 0.93
C ARG H 34 -6.87 12.89 1.84
N HIS H 35 -6.67 14.04 1.22
CA HIS H 35 -6.53 15.31 1.93
C HIS H 35 -5.43 15.34 2.98
N LEU H 36 -4.25 14.80 2.62
CA LEU H 36 -3.12 14.82 3.55
C LEU H 36 -2.73 16.28 3.76
N ASP H 37 -2.68 16.71 5.02
CA ASP H 37 -2.40 18.11 5.33
C ASP H 37 -1.11 18.42 6.09
N TRP H 38 -0.80 17.67 7.13
CA TRP H 38 0.42 17.94 7.90
C TRP H 38 0.97 16.68 8.53
N PHE H 39 2.21 16.76 9.01
CA PHE H 39 2.81 15.63 9.70
C PHE H 39 3.58 16.15 10.91
N GLU H 40 3.80 15.24 11.86
CA GLU H 40 4.51 15.55 13.09
C GLU H 40 5.47 14.41 13.35
N VAL H 41 6.75 14.72 13.54
CA VAL H 41 7.71 13.66 13.83
C VAL H 41 7.61 13.32 15.32
N LYS H 42 7.41 12.04 15.61
CA LYS H 42 7.30 11.58 16.99
C LYS H 42 8.62 11.02 17.49
N GLU H 43 9.33 10.29 16.63
CA GLU H 43 10.60 9.69 17.01
C GLU H 43 11.49 9.52 15.80
N ILE H 44 12.80 9.54 16.04
CA ILE H 44 13.78 9.29 15.01
C ILE H 44 14.65 8.20 15.59
N ARG H 45 14.75 7.09 14.88
CA ARG H 45 15.58 5.98 15.33
C ARG H 45 16.12 5.29 14.11
N GLY H 46 16.72 4.13 14.29
CA GLY H 46 17.23 3.44 13.12
C GLY H 46 18.04 2.21 13.45
N THR H 47 18.49 1.52 12.41
CA THR H 47 19.30 0.32 12.62
C THR H 47 20.75 0.64 12.28
N ILE H 48 21.64 -0.20 12.80
CA ILE H 48 23.07 -0.02 12.60
C ILE H 48 23.67 -1.16 11.79
N GLY H 49 24.52 -0.81 10.84
CA GLY H 49 25.17 -1.79 9.99
C GLY H 49 26.68 -1.55 9.99
N GLU H 50 27.39 -2.32 9.17
CA GLU H 50 28.85 -2.20 9.11
C GLU H 50 29.38 -0.81 8.78
N ALA H 51 28.58 0.00 8.10
CA ALA H 51 29.00 1.35 7.73
C ALA H 51 28.27 2.45 8.49
N GLY H 52 27.77 2.12 9.68
CA GLY H 52 27.06 3.11 10.48
C GLY H 52 25.57 2.91 10.34
N VAL H 53 24.85 4.00 10.07
CA VAL H 53 23.41 3.88 9.91
C VAL H 53 23.07 2.95 8.74
N LYS H 54 22.20 1.98 9.00
CA LYS H 54 21.77 1.06 7.95
C LYS H 54 20.46 1.64 7.42
N GLU H 55 19.48 1.73 8.30
CA GLU H 55 18.18 2.24 7.92
C GLU H 55 17.72 3.34 8.89
N TYR H 56 17.38 4.51 8.36
CA TYR H 56 16.84 5.59 9.17
C TYR H 56 15.36 5.28 9.28
N GLN H 57 14.79 5.46 10.48
CA GLN H 57 13.38 5.20 10.70
C GLN H 57 12.76 6.41 11.39
N VAL H 58 11.82 7.06 10.73
CA VAL H 58 11.18 8.22 11.28
C VAL H 58 9.71 7.92 11.56
N VAL H 59 9.37 7.94 12.85
CA VAL H 59 8.00 7.68 13.29
C VAL H 59 7.25 8.99 13.23
N LEU H 60 6.14 9.01 12.51
CA LEU H 60 5.41 10.25 12.44
C LEU H 60 3.90 10.09 12.42
N GLU H 61 3.22 11.17 12.76
CA GLU H 61 1.76 11.22 12.73
C GLU H 61 1.44 12.02 11.49
N VAL H 62 0.50 11.50 10.68
CA VAL H 62 0.11 12.19 9.47
C VAL H 62 -1.34 12.60 9.67
N GLY H 63 -1.59 13.91 9.56
CA GLY H 63 -2.93 14.43 9.72
C GLY H 63 -3.59 14.72 8.39
N PHE H 64 -4.84 14.30 8.24
CA PHE H 64 -5.57 14.51 7.00
C PHE H 64 -7.04 14.83 7.29
N ARG H 65 -7.65 15.57 6.38
CA ARG H 65 -9.05 15.95 6.57
C ARG H 65 -10.01 14.85 6.16
N LEU H 66 -11.03 14.63 6.99
CA LEU H 66 -12.04 13.63 6.69
C LEU H 66 -13.14 14.29 5.88
N GLU H 67 -13.77 13.50 5.00
CA GLU H 67 -14.85 14.00 4.17
C GLU H 67 -16.04 14.40 5.04
N GLU H 68 -16.71 15.47 4.65
CA GLU H 68 -17.87 15.97 5.37
C GLU H 68 -19.04 14.99 5.29
N THR H 69 -19.66 14.74 6.43
CA THR H 69 -20.80 13.83 6.51
C THR H 69 -21.92 14.47 7.32
#